data_3PVI
#
_entry.id   3PVI
#
_cell.length_a   95.800
_cell.length_b   86.300
_cell.length_c   48.500
_cell.angle_alpha   90.00
_cell.angle_beta   90.00
_cell.angle_gamma   90.00
#
_symmetry.space_group_name_H-M   'P 21 21 21'
#
loop_
_entity.id
_entity.type
_entity.pdbx_description
1 polymer "DNA (5'-D(*TP*GP*AP*CP*CP*AP*GP*CP*TP*GP*GP*TP*C)-3')"
2 polymer 'PROTEIN (PVUII ENDONUCLEASE)'
3 water water
#
loop_
_entity_poly.entity_id
_entity_poly.type
_entity_poly.pdbx_seq_one_letter_code
_entity_poly.pdbx_strand_id
1 'polydeoxyribonucleotide' (DT)(DG)(DA)(DC)(DC)(DA)(DG)(DC)(DT)(DG)(DG)(DT)(DC) C,D
2 'polypeptide(L)'
;MSHPDLNKLLELWPHIQEYQDLALKHGINDIFQGNGGKLLQVLLITGLTVLPGREGNDAVDNAGQEYELKSINIDLTKGF
STHHHMNPVIIAKYRQVPWIFAIYRGIAIEAIYRLEPKDLEFYYDKWERKWYSDGHKDINNPKIPVKYVMEHGTKIY
;
A,B
#
loop_
_chem_comp.id
_chem_comp.type
_chem_comp.name
_chem_comp.formula
DA DNA linking 2'-DEOXYADENOSINE-5'-MONOPHOSPHATE 'C10 H14 N5 O6 P'
DC DNA linking 2'-DEOXYCYTIDINE-5'-MONOPHOSPHATE 'C9 H14 N3 O7 P'
DG DNA linking 2'-DEOXYGUANOSINE-5'-MONOPHOSPHATE 'C10 H14 N5 O7 P'
DT DNA linking THYMIDINE-5'-MONOPHOSPHATE 'C10 H15 N2 O8 P'
#
# COMPACT_ATOMS: atom_id res chain seq x y z
N SER C 2 5.01 -21.40 -15.22
CA SER C 2 3.88 -20.83 -14.46
C SER C 2 3.35 -21.85 -13.46
N HIS C 3 2.77 -21.35 -12.37
CA HIS C 3 2.19 -22.20 -11.32
C HIS C 3 0.76 -22.61 -11.68
N PRO C 4 0.36 -23.86 -11.36
CA PRO C 4 -0.98 -24.40 -11.64
C PRO C 4 -2.19 -23.55 -11.19
N ASP C 5 -2.05 -22.79 -10.10
CA ASP C 5 -3.19 -21.97 -9.63
C ASP C 5 -3.51 -20.77 -10.54
N LEU C 6 -2.65 -20.47 -11.52
CA LEU C 6 -2.90 -19.36 -12.44
C LEU C 6 -4.28 -19.59 -13.09
N ASN C 7 -4.66 -20.84 -13.23
CA ASN C 7 -5.97 -21.20 -13.79
C ASN C 7 -7.16 -20.64 -12.99
N LYS C 8 -7.08 -20.69 -11.65
CA LYS C 8 -8.13 -20.18 -10.75
C LYS C 8 -8.25 -18.66 -10.89
N LEU C 9 -7.09 -18.01 -10.92
CA LEU C 9 -6.95 -16.57 -11.07
C LEU C 9 -7.80 -16.12 -12.26
N LEU C 10 -7.67 -16.83 -13.37
CA LEU C 10 -8.41 -16.53 -14.59
C LEU C 10 -9.92 -16.53 -14.41
N GLU C 11 -10.48 -17.58 -13.81
CA GLU C 11 -11.93 -17.64 -13.61
C GLU C 11 -12.45 -16.49 -12.71
N LEU C 12 -11.66 -16.11 -11.72
CA LEU C 12 -12.05 -15.05 -10.79
C LEU C 12 -11.96 -13.62 -11.33
N TRP C 13 -11.03 -13.37 -12.25
CA TRP C 13 -10.80 -12.02 -12.77
C TRP C 13 -12.01 -11.14 -13.17
N PRO C 14 -12.93 -11.65 -14.01
CA PRO C 14 -14.07 -10.79 -14.38
C PRO C 14 -14.86 -10.22 -13.18
N HIS C 15 -14.91 -10.96 -12.08
CA HIS C 15 -15.59 -10.48 -10.88
C HIS C 15 -14.75 -9.37 -10.22
N ILE C 16 -13.43 -9.57 -10.17
CA ILE C 16 -12.49 -8.59 -9.62
C ILE C 16 -12.60 -7.28 -10.42
N GLN C 17 -12.70 -7.36 -11.76
CA GLN C 17 -12.85 -6.17 -12.62
C GLN C 17 -14.13 -5.40 -12.29
N GLU C 18 -15.24 -6.11 -12.05
CA GLU C 18 -16.49 -5.46 -11.66
C GLU C 18 -16.30 -4.66 -10.37
N TYR C 19 -15.57 -5.23 -9.41
CA TYR C 19 -15.32 -4.54 -8.15
C TYR C 19 -14.48 -3.27 -8.38
N GLN C 20 -13.45 -3.37 -9.20
CA GLN C 20 -12.62 -2.20 -9.50
C GLN C 20 -13.49 -1.13 -10.21
N ASP C 21 -14.44 -1.55 -11.04
CA ASP C 21 -15.32 -0.59 -11.73
C ASP C 21 -16.15 0.19 -10.72
N LEU C 22 -16.64 -0.52 -9.69
CA LEU C 22 -17.44 0.09 -8.64
C LEU C 22 -16.58 1.08 -7.83
N ALA C 23 -15.30 0.73 -7.61
CA ALA C 23 -14.39 1.60 -6.87
C ALA C 23 -14.15 2.89 -7.66
N LEU C 24 -13.92 2.77 -8.97
CA LEU C 24 -13.70 3.94 -9.84
C LEU C 24 -14.92 4.89 -9.81
N LYS C 25 -16.13 4.32 -9.81
CA LYS C 25 -17.36 5.10 -9.75
C LYS C 25 -17.39 5.95 -8.47
N HIS C 26 -16.70 5.50 -7.44
CA HIS C 26 -16.64 6.22 -6.18
C HIS C 26 -15.28 6.89 -5.90
N GLY C 27 -14.47 7.10 -6.93
CA GLY C 27 -13.22 7.80 -6.74
C GLY C 27 -11.94 7.11 -6.28
N ILE C 28 -11.93 5.78 -6.30
CA ILE C 28 -10.75 5.00 -5.91
C ILE C 28 -10.16 4.34 -7.17
N ASN C 29 -8.97 4.81 -7.58
CA ASN C 29 -8.27 4.31 -8.77
C ASN C 29 -7.62 2.92 -8.74
N ASP C 30 -7.18 2.49 -7.57
CA ASP C 30 -6.49 1.18 -7.45
C ASP C 30 -6.88 0.48 -6.15
N ILE C 31 -7.74 -0.53 -6.26
CA ILE C 31 -8.15 -1.29 -5.07
C ILE C 31 -6.98 -2.03 -4.38
N PHE C 32 -5.88 -2.22 -5.10
CA PHE C 32 -4.74 -2.97 -4.55
C PHE C 32 -3.65 -2.21 -3.79
N GLN C 33 -3.86 -0.91 -3.56
CA GLN C 33 -2.89 -0.08 -2.83
C GLN C 33 -3.58 0.73 -1.71
N GLY C 34 -2.85 1.01 -0.63
CA GLY C 34 -3.38 1.79 0.46
C GLY C 34 -4.74 1.38 1.03
N ASN C 35 -4.98 0.07 1.15
CA ASN C 35 -6.24 -0.47 1.63
C ASN C 35 -7.45 -0.04 0.74
N GLY C 36 -7.18 0.25 -0.54
CA GLY C 36 -8.23 0.68 -1.46
C GLY C 36 -9.54 -0.08 -1.47
N GLY C 37 -9.48 -1.40 -1.64
CA GLY C 37 -10.69 -2.20 -1.64
C GLY C 37 -11.44 -2.18 -0.32
N LYS C 38 -10.73 -1.91 0.78
CA LYS C 38 -11.33 -1.84 2.12
C LYS C 38 -11.99 -0.46 2.31
N LEU C 39 -11.29 0.57 1.84
CA LEU C 39 -11.78 1.94 1.93
C LEU C 39 -13.19 2.08 1.30
N LEU C 40 -13.42 1.41 0.16
CA LEU C 40 -14.73 1.45 -0.49
C LEU C 40 -15.87 0.97 0.43
N GLN C 41 -15.64 -0.11 1.18
CA GLN C 41 -16.65 -0.64 2.11
C GLN C 41 -17.02 0.43 3.15
N VAL C 42 -16.00 1.02 3.77
CA VAL C 42 -16.24 2.04 4.78
C VAL C 42 -17.04 3.23 4.21
N LEU C 43 -16.67 3.67 3.01
CA LEU C 43 -17.35 4.80 2.36
C LEU C 43 -18.84 4.47 2.11
N LEU C 44 -19.13 3.34 1.48
CA LEU C 44 -20.53 2.98 1.20
C LEU C 44 -21.37 2.77 2.46
N ILE C 45 -20.77 2.25 3.54
CA ILE C 45 -21.49 2.03 4.81
C ILE C 45 -21.85 3.36 5.49
N THR C 46 -20.85 4.24 5.61
CA THR C 46 -21.01 5.56 6.26
C THR C 46 -21.61 6.70 5.41
N GLY C 47 -21.52 6.59 4.09
CA GLY C 47 -22.00 7.67 3.24
C GLY C 47 -20.95 8.78 3.01
N LEU C 48 -19.73 8.56 3.47
CA LEU C 48 -18.64 9.53 3.28
C LEU C 48 -18.09 9.46 1.85
N THR C 49 -17.37 10.50 1.40
CA THR C 49 -16.79 10.55 0.05
C THR C 49 -15.30 10.96 -0.03
N VAL C 50 -14.53 10.32 -0.90
CA VAL C 50 -13.13 10.69 -1.11
C VAL C 50 -13.11 11.63 -2.35
N LEU C 51 -12.59 12.85 -2.18
CA LEU C 51 -12.56 13.84 -3.27
C LEU C 51 -11.35 13.73 -4.19
N PRO C 52 -11.48 14.16 -5.46
CA PRO C 52 -10.34 14.08 -6.38
C PRO C 52 -9.28 15.11 -5.92
N GLY C 53 -8.00 14.74 -5.99
CA GLY C 53 -7.00 15.69 -5.53
C GLY C 53 -6.76 15.67 -4.02
N ARG C 54 -7.33 14.69 -3.32
CA ARG C 54 -7.11 14.56 -1.88
C ARG C 54 -5.63 14.13 -1.67
N GLU C 55 -5.09 14.34 -0.48
CA GLU C 55 -3.70 13.99 -0.21
C GLU C 55 -3.46 12.54 0.27
N GLY C 56 -4.46 11.92 0.87
CA GLY C 56 -4.29 10.56 1.36
C GLY C 56 -5.62 9.85 1.39
N ASN C 57 -5.94 9.17 2.49
CA ASN C 57 -7.22 8.46 2.59
C ASN C 57 -8.29 9.32 3.26
N ASP C 58 -8.09 10.64 3.28
CA ASP C 58 -9.07 11.53 3.91
C ASP C 58 -10.38 11.68 3.10
N ALA C 59 -11.50 11.79 3.84
CA ALA C 59 -12.85 11.89 3.25
C ALA C 59 -13.68 13.02 3.86
N VAL C 60 -14.84 13.30 3.26
CA VAL C 60 -15.75 14.35 3.74
C VAL C 60 -17.22 13.89 3.77
N ASP C 61 -18.03 14.53 4.62
CA ASP C 61 -19.45 14.20 4.70
C ASP C 61 -20.28 15.15 3.80
N ASN C 62 -21.61 15.09 3.95
CA ASN C 62 -22.56 15.92 3.20
C ASN C 62 -22.33 17.41 3.40
N ALA C 63 -21.88 17.80 4.58
CA ALA C 63 -21.65 19.20 4.90
C ALA C 63 -20.24 19.69 4.57
N GLY C 64 -19.38 18.81 4.10
CA GLY C 64 -18.04 19.23 3.77
C GLY C 64 -16.99 19.09 4.88
N GLN C 65 -17.36 18.49 6.00
CA GLN C 65 -16.39 18.29 7.10
C GLN C 65 -15.43 17.13 6.74
N GLU C 66 -14.11 17.36 6.91
CA GLU C 66 -13.05 16.36 6.63
C GLU C 66 -12.82 15.38 7.80
N TYR C 67 -12.35 14.18 7.43
CA TYR C 67 -12.07 13.10 8.38
C TYR C 67 -10.81 12.33 7.93
N GLU C 68 -10.02 11.83 8.88
CA GLU C 68 -8.84 11.00 8.56
C GLU C 68 -9.30 9.55 8.76
N LEU C 69 -9.10 8.69 7.75
CA LEU C 69 -9.53 7.29 7.81
C LEU C 69 -8.35 6.30 7.95
N LYS C 70 -8.40 5.48 9.00
CA LYS C 70 -7.33 4.49 9.25
C LYS C 70 -7.93 3.10 9.26
N SER C 71 -7.13 2.08 8.95
CA SER C 71 -7.63 0.70 8.93
C SER C 71 -6.62 -0.27 9.56
N ILE C 72 -7.10 -1.37 10.14
CA ILE C 72 -6.22 -2.36 10.76
C ILE C 72 -6.72 -3.79 10.58
N ASN C 73 -5.75 -4.71 10.43
CA ASN C 73 -5.98 -6.13 10.29
C ASN C 73 -5.64 -6.76 11.67
N ILE C 74 -6.64 -7.01 12.50
CA ILE C 74 -6.37 -7.56 13.82
C ILE C 74 -5.88 -9.00 13.89
N ASP C 75 -5.90 -9.72 12.77
CA ASP C 75 -5.39 -11.09 12.76
C ASP C 75 -3.86 -11.00 12.78
N LEU C 76 -3.33 -9.80 12.56
CA LEU C 76 -1.88 -9.58 12.54
C LEU C 76 -1.35 -8.64 13.62
N THR C 77 -2.05 -7.52 13.84
CA THR C 77 -1.57 -6.53 14.82
C THR C 77 -2.65 -5.87 15.68
N LYS C 78 -2.24 -5.30 16.81
CA LYS C 78 -3.18 -4.63 17.73
C LYS C 78 -3.01 -3.11 17.86
N GLY C 79 -2.21 -2.51 16.97
CA GLY C 79 -1.99 -1.07 17.00
C GLY C 79 -2.06 -0.42 15.63
N PHE C 80 -2.84 0.66 15.48
CA PHE C 80 -2.99 1.39 14.19
C PHE C 80 -1.73 2.22 13.84
N SER C 81 -1.28 2.13 12.59
CA SER C 81 -0.13 2.89 12.07
C SER C 81 -0.53 4.35 11.91
N THR C 82 0.48 5.24 11.96
CA THR C 82 0.27 6.68 11.83
C THR C 82 1.13 7.32 10.72
N HIS C 83 2.40 7.62 11.03
CA HIS C 83 3.32 8.23 10.05
C HIS C 83 4.76 7.72 10.30
N HIS C 84 5.50 7.37 9.23
CA HIS C 84 6.88 6.86 9.30
C HIS C 84 7.89 7.94 9.79
N HIS C 85 7.52 9.22 9.65
CA HIS C 85 8.36 10.34 10.10
C HIS C 85 7.52 11.40 10.85
N MET C 86 7.00 11.03 12.02
CA MET C 86 6.15 11.90 12.84
C MET C 86 6.89 13.08 13.48
N ASN C 87 6.28 14.27 13.39
CA ASN C 87 6.83 15.52 13.95
C ASN C 87 5.67 16.54 14.08
N PRO C 88 5.89 17.71 14.71
CA PRO C 88 4.83 18.70 14.88
C PRO C 88 4.07 19.20 13.64
N VAL C 89 4.72 19.19 12.48
CA VAL C 89 4.03 19.62 11.25
C VAL C 89 2.99 18.55 10.88
N ILE C 90 3.35 17.27 11.00
CA ILE C 90 2.41 16.18 10.69
C ILE C 90 1.23 16.22 11.69
N ILE C 91 1.53 16.36 12.98
CA ILE C 91 0.47 16.44 13.99
C ILE C 91 -0.54 17.57 13.71
N ALA C 92 -0.05 18.72 13.24
CA ALA C 92 -0.92 19.89 12.92
C ALA C 92 -1.96 19.53 11.84
N LYS C 93 -1.59 18.64 10.92
CA LYS C 93 -2.53 18.21 9.90
C LYS C 93 -3.65 17.37 10.58
N TYR C 94 -3.31 16.69 11.66
CA TYR C 94 -4.27 15.83 12.38
C TYR C 94 -5.24 16.54 13.32
N ARG C 95 -4.71 17.46 14.12
CA ARG C 95 -5.43 18.17 15.17
C ARG C 95 -6.90 18.56 15.07
N GLN C 96 -7.31 19.18 13.98
CA GLN C 96 -8.70 19.64 13.89
C GLN C 96 -9.78 18.77 13.28
N VAL C 97 -9.42 17.56 12.83
CA VAL C 97 -10.40 16.68 12.24
C VAL C 97 -10.66 15.41 13.04
N PRO C 98 -11.92 14.94 13.02
CA PRO C 98 -12.23 13.71 13.74
C PRO C 98 -11.66 12.54 12.92
N TRP C 99 -11.43 11.39 13.56
CA TRP C 99 -10.90 10.20 12.87
C TRP C 99 -11.92 9.04 12.82
N ILE C 100 -11.89 8.27 11.74
CA ILE C 100 -12.77 7.10 11.53
C ILE C 100 -11.85 5.85 11.48
N PHE C 101 -11.97 4.97 12.47
CA PHE C 101 -11.12 3.76 12.56
C PHE C 101 -11.92 2.50 12.20
N ALA C 102 -11.47 1.76 11.19
CA ALA C 102 -12.14 0.54 10.77
C ALA C 102 -11.32 -0.70 11.19
N ILE C 103 -12.01 -1.69 11.74
CA ILE C 103 -11.38 -2.92 12.24
C ILE C 103 -11.73 -4.14 11.38
N TYR C 104 -10.69 -4.83 10.91
CA TYR C 104 -10.85 -6.01 10.05
C TYR C 104 -10.17 -7.28 10.54
N ARG C 105 -10.75 -8.41 10.13
CA ARG C 105 -10.19 -9.73 10.39
C ARG C 105 -9.75 -10.15 8.99
N GLY C 106 -8.53 -9.76 8.62
CA GLY C 106 -8.04 -10.07 7.30
C GLY C 106 -8.75 -9.20 6.28
N ILE C 107 -9.89 -9.71 5.80
CA ILE C 107 -10.67 -8.98 4.79
C ILE C 107 -12.11 -8.68 5.26
N ALA C 108 -12.61 -9.44 6.22
CA ALA C 108 -13.98 -9.21 6.69
C ALA C 108 -14.04 -8.07 7.73
N ILE C 109 -14.81 -7.03 7.42
CA ILE C 109 -14.98 -5.89 8.33
C ILE C 109 -15.77 -6.34 9.56
N GLU C 110 -15.36 -5.85 10.73
CA GLU C 110 -16.02 -6.20 11.99
C GLU C 110 -16.70 -5.01 12.66
N ALA C 111 -16.05 -3.84 12.63
CA ALA C 111 -16.60 -2.66 13.29
C ALA C 111 -15.99 -1.36 12.79
N ILE C 112 -16.65 -0.24 13.11
CA ILE C 112 -16.16 1.11 12.76
C ILE C 112 -16.42 2.03 13.96
N TYR C 113 -15.43 2.83 14.33
CA TYR C 113 -15.53 3.78 15.45
C TYR C 113 -15.14 5.21 15.00
N ARG C 114 -15.79 6.20 15.61
CA ARG C 114 -15.48 7.61 15.37
C ARG C 114 -14.86 8.25 16.63
N LEU C 115 -13.71 8.92 16.47
CA LEU C 115 -13.05 9.64 17.56
C LEU C 115 -12.98 11.15 17.24
N GLU C 116 -13.27 11.99 18.22
CA GLU C 116 -13.21 13.43 18.06
C GLU C 116 -11.81 13.97 18.51
N PRO C 117 -11.46 15.20 18.10
CA PRO C 117 -10.16 15.78 18.48
C PRO C 117 -9.85 15.68 19.99
N LYS C 118 -10.84 15.96 20.84
CA LYS C 118 -10.67 15.89 22.30
C LYS C 118 -10.22 14.51 22.78
N ASP C 119 -10.65 13.47 22.10
CA ASP C 119 -10.24 12.12 22.49
C ASP C 119 -8.91 11.61 21.93
N LEU C 120 -8.25 12.44 21.12
CA LEU C 120 -6.95 12.11 20.55
C LEU C 120 -5.81 12.97 21.13
N GLU C 121 -6.14 14.03 21.87
CA GLU C 121 -5.11 14.91 22.47
C GLU C 121 -4.07 14.18 23.32
N PHE C 122 -4.46 13.09 23.97
CA PHE C 122 -3.52 12.32 24.79
C PHE C 122 -2.31 11.88 23.94
N TYR C 123 -2.58 11.43 22.71
CA TYR C 123 -1.51 11.00 21.82
C TYR C 123 -0.73 12.14 21.18
N TYR C 124 -1.42 13.21 20.79
CA TYR C 124 -0.74 14.37 20.19
C TYR C 124 0.29 14.95 21.20
N ASP C 125 -0.09 15.02 22.47
CA ASP C 125 0.79 15.51 23.53
C ASP C 125 1.98 14.57 23.80
N LYS C 126 1.72 13.26 23.82
CA LYS C 126 2.76 12.26 24.04
C LYS C 126 3.83 12.34 22.93
N TRP C 127 3.39 12.44 21.68
CA TRP C 127 4.31 12.51 20.55
C TRP C 127 5.16 13.78 20.52
N GLU C 128 4.57 14.92 20.85
CA GLU C 128 5.30 16.16 20.84
C GLU C 128 6.35 16.20 21.94
N ARG C 129 6.02 15.58 23.07
CA ARG C 129 6.90 15.49 24.23
C ARG C 129 8.13 14.64 23.88
N LYS C 130 7.94 13.51 23.21
CA LYS C 130 9.07 12.68 22.84
C LYS C 130 9.96 13.36 21.80
N TRP C 131 9.35 13.99 20.81
CA TRP C 131 10.09 14.67 19.75
C TRP C 131 11.08 15.68 20.35
N TYR C 132 10.65 16.44 21.34
CA TYR C 132 11.56 17.40 21.96
C TYR C 132 12.69 16.65 22.69
N SER C 133 12.31 15.72 23.58
CA SER C 133 13.27 14.94 24.36
C SER C 133 14.39 14.30 23.58
N ASP C 134 14.10 13.83 22.37
CA ASP C 134 15.10 13.17 21.57
C ASP C 134 15.96 14.06 20.66
N GLY C 135 15.86 15.37 20.86
CA GLY C 135 16.64 16.32 20.06
C GLY C 135 16.07 16.65 18.69
N HIS C 136 14.75 16.62 18.56
CA HIS C 136 14.07 16.91 17.31
C HIS C 136 14.24 15.78 16.31
N LYS C 137 14.20 14.55 16.78
CA LYS C 137 14.33 13.39 15.91
C LYS C 137 12.90 12.91 15.55
N ASP C 138 12.60 12.73 14.27
CA ASP C 138 11.28 12.24 13.86
C ASP C 138 10.96 10.88 14.51
N ILE C 139 9.70 10.65 14.90
CA ILE C 139 9.35 9.35 15.52
C ILE C 139 8.93 8.36 14.41
N ASN C 140 9.48 7.15 14.45
CA ASN C 140 9.17 6.14 13.43
C ASN C 140 7.90 5.32 13.71
N ASN C 141 6.78 5.77 13.11
CA ASN C 141 5.49 5.09 13.19
C ASN C 141 4.94 4.68 14.57
N PRO C 142 4.75 5.64 15.50
CA PRO C 142 4.21 5.23 16.81
C PRO C 142 2.73 4.76 16.60
N LYS C 143 2.26 3.82 17.41
CA LYS C 143 0.90 3.25 17.25
C LYS C 143 -0.22 3.70 18.21
N ILE C 144 -1.47 3.64 17.74
CA ILE C 144 -2.65 3.95 18.57
C ILE C 144 -3.31 2.57 18.81
N PRO C 145 -3.31 2.09 20.08
CA PRO C 145 -3.89 0.79 20.47
C PRO C 145 -5.35 0.62 20.09
N VAL C 146 -5.73 -0.58 19.64
CA VAL C 146 -7.12 -0.86 19.28
C VAL C 146 -8.04 -0.73 20.51
N LYS C 147 -7.54 -1.14 21.68
CA LYS C 147 -8.35 -1.05 22.90
C LYS C 147 -8.70 0.40 23.24
N TYR C 148 -7.74 1.32 23.06
CA TYR C 148 -7.98 2.74 23.33
C TYR C 148 -9.11 3.26 22.42
N VAL C 149 -9.05 2.87 21.14
CA VAL C 149 -10.06 3.24 20.13
C VAL C 149 -11.47 2.74 20.54
N MET C 150 -11.55 1.46 20.89
CA MET C 150 -12.82 0.85 21.27
C MET C 150 -13.42 1.46 22.53
N GLU C 151 -12.59 1.81 23.50
CA GLU C 151 -13.07 2.38 24.76
C GLU C 151 -13.44 3.87 24.70
N HIS C 152 -12.61 4.67 24.04
CA HIS C 152 -12.87 6.11 23.91
C HIS C 152 -13.82 6.54 22.77
N GLY C 153 -13.85 5.79 21.67
CA GLY C 153 -14.71 6.19 20.57
C GLY C 153 -16.20 5.87 20.66
N THR C 154 -16.96 6.31 19.65
CA THR C 154 -18.40 6.02 19.53
C THR C 154 -18.56 5.03 18.36
N LYS C 155 -19.07 3.83 18.64
CA LYS C 155 -19.26 2.81 17.61
C LYS C 155 -20.39 3.22 16.62
N ILE C 156 -20.09 3.22 15.31
CA ILE C 156 -21.10 3.59 14.31
C ILE C 156 -21.49 2.44 13.38
N TYR C 157 -20.83 1.29 13.55
CA TYR C 157 -21.12 0.08 12.78
C TYR C 157 -20.59 -1.14 13.55
N SER D 2 -26.34 4.83 4.58
CA SER D 2 -25.35 4.18 3.68
C SER D 2 -25.69 4.54 2.24
N HIS D 3 -24.70 4.42 1.34
CA HIS D 3 -24.93 4.70 -0.08
C HIS D 3 -25.65 3.48 -0.66
N PRO D 4 -26.67 3.70 -1.51
CA PRO D 4 -27.40 2.57 -2.09
C PRO D 4 -26.57 1.53 -2.84
N ASP D 5 -25.35 1.89 -3.28
CA ASP D 5 -24.49 0.95 -4.01
C ASP D 5 -23.94 -0.19 -3.13
N LEU D 6 -24.21 -0.11 -1.82
CA LEU D 6 -23.78 -1.11 -0.85
C LEU D 6 -24.31 -2.49 -1.22
N ASN D 7 -25.55 -2.52 -1.71
CA ASN D 7 -26.19 -3.78 -2.13
C ASN D 7 -25.42 -4.50 -3.22
N LYS D 8 -24.69 -3.75 -4.04
CA LYS D 8 -23.91 -4.31 -5.14
C LYS D 8 -22.67 -5.02 -4.62
N LEU D 9 -22.01 -4.37 -3.68
CA LEU D 9 -20.80 -4.90 -3.06
C LEU D 9 -21.11 -6.27 -2.44
N LEU D 10 -22.32 -6.42 -1.90
CA LEU D 10 -22.75 -7.67 -1.27
C LEU D 10 -22.81 -8.85 -2.25
N GLU D 11 -23.17 -8.59 -3.49
CA GLU D 11 -23.22 -9.65 -4.49
C GLU D 11 -21.78 -10.04 -4.89
N LEU D 12 -20.91 -9.04 -4.96
CA LEU D 12 -19.52 -9.23 -5.35
C LEU D 12 -18.59 -9.83 -4.29
N TRP D 13 -18.85 -9.51 -3.02
CA TRP D 13 -17.99 -9.96 -1.93
C TRP D 13 -17.51 -11.41 -1.86
N PRO D 14 -18.42 -12.39 -2.01
CA PRO D 14 -18.02 -13.80 -1.96
C PRO D 14 -16.86 -14.14 -2.93
N HIS D 15 -16.85 -13.50 -4.10
CA HIS D 15 -15.80 -13.74 -5.09
C HIS D 15 -14.48 -13.11 -4.64
N ILE D 16 -14.59 -11.95 -4.02
CA ILE D 16 -13.42 -11.23 -3.54
C ILE D 16 -12.76 -12.03 -2.42
N GLN D 17 -13.57 -12.59 -1.53
CA GLN D 17 -13.03 -13.39 -0.44
C GLN D 17 -12.24 -14.61 -0.97
N GLU D 18 -12.72 -15.23 -2.04
CA GLU D 18 -12.04 -16.39 -2.66
C GLU D 18 -10.66 -16.01 -3.16
N TYR D 19 -10.54 -14.81 -3.72
CA TYR D 19 -9.24 -14.34 -4.22
C TYR D 19 -8.25 -14.15 -3.04
N GLN D 20 -8.73 -13.57 -1.93
CA GLN D 20 -7.88 -13.38 -0.75
C GLN D 20 -7.46 -14.74 -0.18
N ASP D 21 -8.35 -15.74 -0.24
CA ASP D 21 -8.02 -17.10 0.24
C ASP D 21 -6.86 -17.68 -0.60
N LEU D 22 -6.91 -17.45 -1.91
CA LEU D 22 -5.86 -17.92 -2.81
C LEU D 22 -4.51 -17.22 -2.52
N ALA D 23 -4.54 -15.93 -2.23
CA ALA D 23 -3.30 -15.20 -1.94
C ALA D 23 -2.65 -15.68 -0.65
N LEU D 24 -3.47 -15.98 0.35
CA LEU D 24 -3.00 -16.44 1.66
C LEU D 24 -2.22 -17.77 1.51
N LYS D 25 -2.70 -18.63 0.63
CA LYS D 25 -2.06 -19.93 0.36
C LYS D 25 -0.67 -19.75 -0.25
N HIS D 26 -0.48 -18.64 -0.96
CA HIS D 26 0.80 -18.35 -1.60
C HIS D 26 1.65 -17.35 -0.82
N GLY D 27 1.35 -17.13 0.46
CA GLY D 27 2.16 -16.25 1.28
C GLY D 27 1.87 -14.77 1.35
N ILE D 28 0.73 -14.34 0.78
CA ILE D 28 0.32 -12.94 0.80
C ILE D 28 -0.89 -12.75 1.73
N ASN D 29 -0.69 -12.01 2.83
CA ASN D 29 -1.72 -11.74 3.86
C ASN D 29 -2.83 -10.73 3.58
N ASP D 30 -2.62 -9.83 2.63
CA ASP D 30 -3.59 -8.76 2.36
C ASP D 30 -3.53 -8.34 0.89
N ILE D 31 -4.55 -8.69 0.11
CA ILE D 31 -4.57 -8.31 -1.29
C ILE D 31 -4.74 -6.80 -1.53
N PHE D 32 -5.18 -6.07 -0.50
CA PHE D 32 -5.40 -4.62 -0.64
C PHE D 32 -4.25 -3.64 -0.25
N GLN D 33 -3.07 -4.19 0.03
CA GLN D 33 -1.90 -3.35 0.36
C GLN D 33 -0.69 -3.85 -0.42
N GLY D 34 0.25 -2.94 -0.72
CA GLY D 34 1.47 -3.29 -1.43
C GLY D 34 1.30 -3.99 -2.77
N ASN D 35 0.29 -3.57 -3.53
CA ASN D 35 -0.04 -4.17 -4.82
C ASN D 35 -0.26 -5.68 -4.67
N GLY D 36 -0.65 -6.11 -3.46
CA GLY D 36 -0.88 -7.53 -3.16
C GLY D 36 -1.58 -8.36 -4.23
N GLY D 37 -2.76 -7.93 -4.66
CA GLY D 37 -3.49 -8.66 -5.68
C GLY D 37 -2.76 -8.78 -7.00
N LYS D 38 -1.92 -7.80 -7.31
CA LYS D 38 -1.14 -7.82 -8.57
C LYS D 38 0.17 -8.63 -8.38
N LEU D 39 0.78 -8.53 -7.21
CA LEU D 39 1.99 -9.30 -6.94
C LEU D 39 1.68 -10.82 -7.07
N LEU D 40 0.51 -11.26 -6.61
CA LEU D 40 0.14 -12.66 -6.73
C LEU D 40 0.07 -13.08 -8.19
N GLN D 41 -0.45 -12.22 -9.05
CA GLN D 41 -0.54 -12.53 -10.48
C GLN D 41 0.88 -12.76 -11.08
N VAL D 42 1.84 -11.89 -10.74
CA VAL D 42 3.22 -11.99 -11.21
C VAL D 42 3.89 -13.27 -10.71
N LEU D 43 3.65 -13.61 -9.44
CA LEU D 43 4.24 -14.81 -8.88
C LEU D 43 3.70 -16.05 -9.60
N LEU D 44 2.39 -16.05 -9.90
CA LEU D 44 1.80 -17.22 -10.57
C LEU D 44 2.27 -17.39 -12.01
N ILE D 45 2.49 -16.27 -12.71
CA ILE D 45 2.97 -16.29 -14.08
C ILE D 45 4.45 -16.75 -14.17
N THR D 46 5.30 -16.17 -13.34
CA THR D 46 6.74 -16.48 -13.35
C THR D 46 7.22 -17.75 -12.63
N GLY D 47 6.46 -18.22 -11.64
CA GLY D 47 6.88 -19.37 -10.87
C GLY D 47 7.70 -19.00 -9.64
N LEU D 48 7.91 -17.71 -9.39
CA LEU D 48 8.65 -17.26 -8.22
C LEU D 48 7.81 -17.44 -6.94
N THR D 49 8.46 -17.55 -5.79
CA THR D 49 7.75 -17.71 -4.53
C THR D 49 8.23 -16.66 -3.50
N VAL D 50 7.38 -16.25 -2.56
CA VAL D 50 7.82 -15.27 -1.55
C VAL D 50 8.35 -15.90 -0.27
N LEU D 51 9.60 -15.58 0.07
CA LEU D 51 10.26 -16.11 1.26
C LEU D 51 9.64 -15.59 2.55
N PRO D 52 9.21 -16.50 3.45
CA PRO D 52 8.62 -16.00 4.69
C PRO D 52 9.73 -15.34 5.52
N GLY D 53 9.39 -14.26 6.22
CA GLY D 53 10.37 -13.54 7.01
C GLY D 53 11.03 -12.45 6.17
N ARG D 54 10.50 -12.26 4.96
CA ARG D 54 10.99 -11.30 3.98
C ARG D 54 10.75 -9.83 4.30
N GLU D 55 11.54 -8.97 3.67
CA GLU D 55 11.35 -7.52 3.83
C GLU D 55 10.66 -7.05 2.53
N GLY D 56 9.39 -6.71 2.63
CA GLY D 56 8.63 -6.24 1.46
C GLY D 56 8.14 -7.22 0.39
N ASN D 57 8.40 -6.93 -0.88
CA ASN D 57 7.92 -7.78 -1.97
C ASN D 57 8.98 -8.72 -2.62
N ASP D 58 10.15 -8.88 -2.00
CA ASP D 58 11.21 -9.75 -2.51
C ASP D 58 10.79 -11.21 -2.68
N ALA D 59 11.27 -11.86 -3.75
CA ALA D 59 10.92 -13.25 -4.05
C ALA D 59 12.13 -14.12 -4.39
N VAL D 60 11.97 -15.44 -4.36
CA VAL D 60 13.09 -16.34 -4.67
C VAL D 60 12.75 -17.37 -5.76
N ASP D 61 13.79 -17.81 -6.49
CA ASP D 61 13.60 -18.85 -7.52
C ASP D 61 14.00 -20.23 -6.94
N ASN D 62 13.94 -21.28 -7.73
CA ASN D 62 14.25 -22.63 -7.27
C ASN D 62 15.72 -22.82 -6.99
N ALA D 63 16.52 -21.85 -7.39
CA ALA D 63 17.96 -21.90 -7.17
C ALA D 63 18.33 -21.14 -5.90
N GLY D 64 17.35 -20.46 -5.31
CA GLY D 64 17.61 -19.70 -4.10
C GLY D 64 18.06 -18.27 -4.35
N GLN D 65 18.00 -17.81 -5.61
CA GLN D 65 18.37 -16.43 -5.93
C GLN D 65 17.25 -15.46 -5.59
N GLU D 66 17.57 -14.39 -4.86
CA GLU D 66 16.57 -13.39 -4.50
C GLU D 66 16.43 -12.30 -5.56
N TYR D 67 15.22 -11.73 -5.63
CA TYR D 67 14.86 -10.68 -6.60
C TYR D 67 14.04 -9.58 -5.92
N GLU D 68 14.10 -8.37 -6.48
CA GLU D 68 13.31 -7.22 -6.02
C GLU D 68 12.23 -7.10 -7.11
N LEU D 69 10.97 -6.98 -6.71
CA LEU D 69 9.85 -6.89 -7.66
C LEU D 69 9.13 -5.52 -7.64
N LYS D 70 8.94 -4.93 -8.82
CA LYS D 70 8.27 -3.61 -8.96
C LYS D 70 7.06 -3.70 -9.89
N SER D 71 6.14 -2.73 -9.78
CA SER D 71 4.92 -2.73 -10.60
C SER D 71 4.47 -1.31 -10.95
N ILE D 72 3.77 -1.14 -12.08
CA ILE D 72 3.28 0.18 -12.51
C ILE D 72 2.02 0.12 -13.40
N ASN D 73 1.14 1.13 -13.29
CA ASN D 73 -0.08 1.23 -14.15
C ASN D 73 0.24 2.32 -15.16
N ILE D 74 0.56 1.89 -16.38
CA ILE D 74 0.96 2.76 -17.49
C ILE D 74 -0.06 3.82 -17.92
N ASP D 75 -1.34 3.57 -17.70
CA ASP D 75 -2.35 4.53 -18.08
C ASP D 75 -2.39 5.77 -17.19
N LEU D 76 -1.61 5.78 -16.11
CA LEU D 76 -1.55 6.97 -15.25
C LEU D 76 -0.18 7.35 -14.65
N THR D 77 0.78 6.42 -14.69
CA THR D 77 2.13 6.65 -14.14
C THR D 77 3.22 6.22 -15.15
N LYS D 78 4.29 7.00 -15.28
CA LYS D 78 5.37 6.70 -16.23
C LYS D 78 6.75 6.30 -15.64
N GLY D 79 6.91 6.37 -14.32
CA GLY D 79 8.17 5.99 -13.70
C GLY D 79 7.97 5.06 -12.49
N PHE D 80 8.84 4.05 -12.35
CA PHE D 80 8.79 3.07 -11.25
C PHE D 80 9.38 3.66 -9.95
N SER D 81 8.65 3.50 -8.83
CA SER D 81 9.10 3.98 -7.52
C SER D 81 10.29 3.16 -7.02
N THR D 82 11.08 3.75 -6.13
CA THR D 82 12.26 3.07 -5.57
C THR D 82 12.28 3.06 -4.01
N HIS D 83 12.75 4.14 -3.38
CA HIS D 83 12.83 4.23 -1.92
C HIS D 83 12.66 5.70 -1.49
N HIS D 84 11.83 5.93 -0.46
CA HIS D 84 11.54 7.29 0.07
C HIS D 84 12.81 7.97 0.65
N HIS D 85 13.76 7.17 1.13
CA HIS D 85 15.03 7.70 1.69
C HIS D 85 16.28 7.02 1.07
N MET D 86 16.49 7.18 -0.24
CA MET D 86 17.63 6.56 -0.93
C MET D 86 19.00 7.00 -0.36
N ASN D 87 19.86 6.04 0.02
CA ASN D 87 21.21 6.32 0.54
C ASN D 87 22.19 5.11 0.34
N PRO D 88 23.50 5.28 0.67
CA PRO D 88 24.49 4.20 0.49
C PRO D 88 24.14 2.81 1.05
N VAL D 89 23.45 2.76 2.19
CA VAL D 89 23.02 1.48 2.78
C VAL D 89 21.97 0.78 1.88
N ILE D 90 21.01 1.55 1.38
CA ILE D 90 19.96 1.03 0.48
C ILE D 90 20.59 0.58 -0.86
N ILE D 91 21.50 1.41 -1.40
CA ILE D 91 22.16 1.11 -2.67
C ILE D 91 22.97 -0.21 -2.60
N ALA D 92 23.67 -0.44 -1.50
CA ALA D 92 24.43 -1.68 -1.36
C ALA D 92 23.49 -2.91 -1.36
N LYS D 93 22.27 -2.77 -0.82
CA LYS D 93 21.32 -3.89 -0.83
C LYS D 93 20.89 -4.15 -2.29
N TYR D 94 20.49 -3.08 -2.99
CA TYR D 94 20.03 -3.17 -4.38
C TYR D 94 21.04 -3.83 -5.34
N ARG D 95 22.33 -3.51 -5.17
CA ARG D 95 23.41 -4.05 -6.01
C ARG D 95 23.58 -5.58 -5.97
N GLN D 96 23.00 -6.24 -4.99
CA GLN D 96 23.15 -7.69 -4.88
C GLN D 96 22.13 -8.58 -5.60
N VAL D 97 21.07 -8.01 -6.16
CA VAL D 97 20.03 -8.83 -6.80
C VAL D 97 19.47 -8.31 -8.14
N PRO D 98 18.96 -9.22 -9.00
CA PRO D 98 18.36 -8.76 -10.27
C PRO D 98 16.96 -8.22 -9.90
N TRP D 99 16.35 -7.41 -10.77
CA TRP D 99 15.01 -6.84 -10.56
C TRP D 99 13.97 -7.34 -11.61
N ILE D 100 12.72 -7.52 -11.17
CA ILE D 100 11.60 -7.96 -12.03
C ILE D 100 10.58 -6.80 -12.09
N PHE D 101 10.31 -6.28 -13.28
CA PHE D 101 9.39 -5.14 -13.49
C PHE D 101 8.10 -5.54 -14.19
N ALA D 102 6.94 -5.31 -13.57
CA ALA D 102 5.64 -5.63 -14.21
C ALA D 102 4.92 -4.37 -14.71
N ILE D 103 4.34 -4.45 -15.90
CA ILE D 103 3.62 -3.32 -16.53
C ILE D 103 2.12 -3.61 -16.77
N TYR D 104 1.25 -2.78 -16.18
CA TYR D 104 -0.22 -2.88 -16.27
C TYR D 104 -0.87 -1.68 -16.95
N ARG D 105 -2.05 -1.89 -17.54
CA ARG D 105 -2.88 -0.83 -18.13
C ARG D 105 -4.24 -1.07 -17.45
N GLY D 106 -4.50 -0.36 -16.35
CA GLY D 106 -5.73 -0.58 -15.61
C GLY D 106 -5.32 -1.65 -14.64
N ILE D 107 -6.01 -2.78 -14.62
CA ILE D 107 -5.61 -3.90 -13.77
C ILE D 107 -5.28 -5.03 -14.73
N ALA D 108 -5.16 -4.69 -16.02
CA ALA D 108 -4.83 -5.67 -17.04
C ALA D 108 -3.32 -5.69 -17.26
N ILE D 109 -2.67 -6.83 -17.02
CA ILE D 109 -1.23 -6.93 -17.21
C ILE D 109 -0.82 -6.99 -18.67
N GLU D 110 0.18 -6.19 -19.03
CA GLU D 110 0.70 -6.10 -20.40
C GLU D 110 2.03 -6.80 -20.64
N ALA D 111 2.99 -6.68 -19.72
CA ALA D 111 4.32 -7.29 -19.91
C ALA D 111 5.15 -7.35 -18.62
N ILE D 112 6.22 -8.16 -18.64
CA ILE D 112 7.15 -8.31 -17.49
C ILE D 112 8.61 -8.35 -18.02
N TYR D 113 9.49 -7.55 -17.43
CA TYR D 113 10.92 -7.48 -17.82
C TYR D 113 11.88 -7.76 -16.65
N ARG D 114 13.05 -8.32 -16.95
CA ARG D 114 14.06 -8.59 -15.94
C ARG D 114 15.37 -7.83 -16.28
N LEU D 115 15.98 -7.19 -15.27
CA LEU D 115 17.28 -6.51 -15.47
C LEU D 115 18.28 -7.03 -14.44
N GLU D 116 19.54 -7.21 -14.87
CA GLU D 116 20.62 -7.69 -13.99
C GLU D 116 21.32 -6.48 -13.31
N PRO D 117 22.10 -6.73 -12.24
CA PRO D 117 22.79 -5.61 -11.56
C PRO D 117 23.61 -4.71 -12.51
N LYS D 118 24.34 -5.30 -13.45
CA LYS D 118 25.13 -4.50 -14.41
C LYS D 118 24.22 -3.56 -15.26
N ASP D 119 22.96 -3.94 -15.47
CA ASP D 119 22.02 -3.13 -16.26
C ASP D 119 21.41 -1.93 -15.50
N LEU D 120 21.61 -1.89 -14.18
CA LEU D 120 21.09 -0.79 -13.32
C LEU D 120 22.18 0.08 -12.71
N GLU D 121 23.44 -0.33 -12.85
CA GLU D 121 24.58 0.41 -12.30
C GLU D 121 24.62 1.88 -12.75
N PHE D 122 24.09 2.17 -13.94
CA PHE D 122 23.99 3.53 -14.47
C PHE D 122 23.32 4.44 -13.40
N TYR D 123 22.23 3.95 -12.80
CA TYR D 123 21.50 4.68 -11.77
C TYR D 123 22.17 4.62 -10.38
N TYR D 124 22.66 3.45 -9.96
CA TYR D 124 23.34 3.32 -8.65
C TYR D 124 24.53 4.27 -8.54
N ASP D 125 25.34 4.31 -9.59
CA ASP D 125 26.54 5.15 -9.63
C ASP D 125 26.14 6.64 -9.56
N LYS D 126 25.07 6.98 -10.28
CA LYS D 126 24.54 8.33 -10.32
C LYS D 126 24.00 8.77 -8.95
N TRP D 127 23.19 7.92 -8.33
CA TRP D 127 22.58 8.20 -7.02
C TRP D 127 23.62 8.30 -5.88
N GLU D 128 24.60 7.39 -5.86
CA GLU D 128 25.62 7.42 -4.81
C GLU D 128 26.46 8.71 -4.88
N ARG D 129 26.86 9.11 -6.10
CA ARG D 129 27.65 10.33 -6.30
C ARG D 129 26.85 11.54 -5.83
N LYS D 130 25.55 11.55 -6.11
CA LYS D 130 24.69 12.68 -5.71
C LYS D 130 24.51 12.75 -4.19
N TRP D 131 24.42 11.60 -3.53
CA TRP D 131 24.25 11.57 -2.07
C TRP D 131 25.42 12.25 -1.33
N TYR D 132 26.65 11.90 -1.71
CA TYR D 132 27.87 12.48 -1.11
C TYR D 132 28.06 13.96 -1.48
N SER D 133 27.84 14.25 -2.75
CA SER D 133 27.95 15.59 -3.29
C SER D 133 26.99 16.59 -2.65
N ASP D 134 25.75 16.15 -2.37
CA ASP D 134 24.72 16.98 -1.76
C ASP D 134 24.97 17.21 -0.28
N GLY D 135 26.02 16.62 0.24
CA GLY D 135 26.34 16.78 1.64
C GLY D 135 25.65 15.76 2.52
N HIS D 136 25.64 14.51 2.05
CA HIS D 136 25.04 13.38 2.78
C HIS D 136 23.54 13.57 2.97
N LYS D 137 22.82 13.83 1.89
CA LYS D 137 21.38 14.03 1.93
C LYS D 137 20.61 12.96 1.13
N ASP D 138 19.67 12.29 1.79
CA ASP D 138 18.86 11.23 1.19
C ASP D 138 18.06 11.73 -0.04
N ILE D 139 17.89 10.89 -1.05
CA ILE D 139 17.12 11.27 -2.24
C ILE D 139 15.67 10.73 -2.07
N ASN D 140 14.67 11.59 -2.27
CA ASN D 140 13.27 11.17 -2.09
C ASN D 140 12.59 10.53 -3.30
N ASN D 141 12.66 9.21 -3.36
CA ASN D 141 11.98 8.42 -4.40
C ASN D 141 12.27 8.77 -5.87
N PRO D 142 13.56 8.65 -6.29
CA PRO D 142 13.87 8.96 -7.69
C PRO D 142 13.23 7.82 -8.52
N LYS D 143 12.77 8.11 -9.73
CA LYS D 143 12.12 7.10 -10.57
C LYS D 143 12.97 6.48 -11.69
N ILE D 144 12.63 5.24 -12.06
CA ILE D 144 13.29 4.53 -13.16
C ILE D 144 12.26 4.58 -14.33
N PRO D 145 12.62 5.27 -15.43
CA PRO D 145 11.74 5.41 -16.61
C PRO D 145 11.35 4.07 -17.26
N VAL D 146 10.08 3.96 -17.67
CA VAL D 146 9.59 2.73 -18.33
C VAL D 146 10.37 2.50 -19.64
N LYS D 147 10.78 3.59 -20.29
CA LYS D 147 11.55 3.49 -21.53
C LYS D 147 12.91 2.82 -21.29
N TYR D 148 13.53 3.13 -20.14
CA TYR D 148 14.83 2.54 -19.78
C TYR D 148 14.71 1.04 -19.53
N VAL D 149 13.64 0.64 -18.84
CA VAL D 149 13.39 -0.78 -18.53
C VAL D 149 13.19 -1.59 -19.82
N MET D 150 12.37 -1.08 -20.71
CA MET D 150 12.07 -1.76 -21.96
C MET D 150 13.29 -1.86 -22.87
N GLU D 151 14.19 -0.88 -22.81
CA GLU D 151 15.39 -0.94 -23.66
C GLU D 151 16.60 -1.67 -23.08
N HIS D 152 16.69 -1.82 -21.77
CA HIS D 152 17.86 -2.48 -21.20
C HIS D 152 17.58 -3.82 -20.53
N GLY D 153 16.34 -4.27 -20.56
CA GLY D 153 16.02 -5.53 -19.92
C GLY D 153 15.62 -6.63 -20.86
N THR D 154 15.41 -7.83 -20.33
CA THR D 154 15.01 -8.99 -21.12
C THR D 154 13.49 -9.19 -20.89
N LYS D 155 12.72 -9.23 -21.97
CA LYS D 155 11.27 -9.43 -21.87
C LYS D 155 10.98 -10.88 -21.46
N ILE D 156 10.30 -11.05 -20.32
CA ILE D 156 9.95 -12.37 -19.74
C ILE D 156 8.48 -12.79 -20.02
N TYR D 157 7.60 -11.81 -20.18
CA TYR D 157 6.17 -12.05 -20.47
C TYR D 157 5.61 -10.92 -21.34
#